data_1ZTX
#
_entry.id   1ZTX
#
_cell.length_a   52.400
_cell.length_b   83.300
_cell.length_c   110.600
_cell.angle_alpha   90.00
_cell.angle_beta   90.00
_cell.angle_gamma   90.00
#
_symmetry.space_group_name_H-M   'P 21 21 21'
#
loop_
_entity.id
_entity.type
_entity.pdbx_description
1 polymer 'Envelope protein'
2 polymer 'Heavy Chain of E16 Antibody'
3 polymer 'Light Chain of E16 Antibody'
4 water water
#
loop_
_entity_poly.entity_id
_entity_poly.type
_entity_poly.pdbx_seq_one_letter_code
_entity_poly.pdbx_strand_id
1 'polypeptide(L)'
;GSQLKGTTYGVCSKAFKFLGTPADTGHGTVVLELQYTGTDGPCKVPISSVASLNDLTPVGRLVTVNPFVSVATANAKVLI
ELEPPFGDSYIVVGRGEQQINHHWHKSG
;
E
2 'polypeptide(L)'
;QVQLQQSGSELMKPGASVQISCKATGYTFSDYWIEWVKQRPGHGLEWIGDILCGTGRTRYNEKLKAMATFTADTSSNTAF
MQLSSLTSEDSAVYYCARSASYGDYADYWGHGTTLTVSSAKTTPPSVYPLAPGCGDTTGSSVTLGCLVKGYFPESVTVTW
NSGSLSSSVHTFPALLQSGLYTMSSSVTVPSSTWPSQTVTCSVAHPASSTTVDKKLEPS
;
H
3 'polypeptide(L)'
;DIVMTQSHKFMSTSVGDRVSITCKASQDVSTAVAWYQQKPGQSPKLLISWASTRHTGVPDRFTGSGSGTDYTLTISSVQA
EDLALYYCQQHYTTPLTFGAGTKLELKRADAAPTVSIFPPSSEQLTSGGASVVCFLNNFYPKDINVKWKIDGSERQNGVL
NSWTDQDSKDSTYSMSSTLTLTKDEYERHNSYTCEATHKTSTSPIVKSFNRN
;
L
#
# COMPACT_ATOMS: atom_id res chain seq x y z
N THR A 7 -20.38 23.64 14.29
CA THR A 7 -21.80 24.13 14.27
C THR A 7 -22.77 23.08 13.71
N THR A 8 -22.92 23.05 12.38
CA THR A 8 -23.83 22.10 11.74
C THR A 8 -23.61 21.97 10.24
N TYR A 9 -23.74 20.76 9.72
CA TYR A 9 -23.53 20.51 8.29
C TYR A 9 -24.77 20.02 7.58
N GLY A 10 -24.56 19.36 6.44
CA GLY A 10 -25.67 18.86 5.65
C GLY A 10 -26.32 17.60 6.19
N VAL A 11 -26.71 16.71 5.28
CA VAL A 11 -27.34 15.45 5.64
C VAL A 11 -26.25 14.41 5.85
N CYS A 12 -26.36 13.63 6.92
CA CYS A 12 -25.36 12.60 7.19
C CYS A 12 -25.12 11.73 5.95
N SER A 13 -23.86 11.59 5.57
CA SER A 13 -23.46 10.83 4.37
C SER A 13 -23.06 9.37 4.63
N LYS A 14 -22.83 9.01 5.88
CA LYS A 14 -22.45 7.64 6.19
C LYS A 14 -23.67 6.80 6.60
N ALA A 15 -23.53 5.49 6.55
CA ALA A 15 -24.60 4.60 6.91
C ALA A 15 -24.83 4.55 8.43
N PHE A 16 -26.03 4.20 8.82
CA PHE A 16 -26.39 4.08 10.23
C PHE A 16 -26.57 2.60 10.52
N LYS A 17 -26.81 2.30 11.79
CA LYS A 17 -27.04 0.93 12.20
C LYS A 17 -28.13 0.93 13.28
N PHE A 18 -29.07 0.00 13.16
CA PHE A 18 -30.14 -0.12 14.13
C PHE A 18 -29.64 -0.86 15.38
N LEU A 19 -29.91 -0.31 16.55
CA LEU A 19 -29.51 -0.92 17.80
C LEU A 19 -30.74 -1.59 18.43
N GLY A 20 -30.75 -2.92 18.43
CA GLY A 20 -31.87 -3.64 18.97
C GLY A 20 -32.92 -3.85 17.89
N THR A 21 -34.14 -3.42 18.17
CA THR A 21 -35.23 -3.54 17.22
C THR A 21 -36.32 -2.55 17.58
N PRO A 22 -36.85 -1.82 16.58
CA PRO A 22 -37.89 -0.84 16.86
C PRO A 22 -38.90 -1.36 17.89
N ALA A 23 -39.20 -0.51 18.85
CA ALA A 23 -40.13 -0.87 19.91
C ALA A 23 -41.46 -0.14 19.80
N ASP A 24 -42.52 -0.84 20.15
CA ASP A 24 -43.87 -0.30 20.13
C ASP A 24 -44.04 0.50 21.42
N THR A 25 -44.52 1.74 21.33
CA THR A 25 -44.70 2.58 22.51
C THR A 25 -46.10 2.45 23.11
N GLY A 26 -46.91 1.57 22.52
CA GLY A 26 -48.25 1.40 23.02
C GLY A 26 -49.03 2.69 22.86
N HIS A 27 -48.42 3.67 22.19
CA HIS A 27 -49.05 4.96 21.97
C HIS A 27 -49.25 5.20 20.48
N GLY A 28 -48.96 4.18 19.66
CA GLY A 28 -49.13 4.33 18.23
C GLY A 28 -47.84 4.73 17.54
N THR A 29 -46.79 4.87 18.33
CA THR A 29 -45.49 5.24 17.80
C THR A 29 -44.46 4.17 18.12
N VAL A 30 -43.36 4.19 17.40
CA VAL A 30 -42.28 3.23 17.63
C VAL A 30 -41.03 4.02 18.00
N VAL A 31 -40.26 3.47 18.93
CA VAL A 31 -39.01 4.11 19.36
C VAL A 31 -37.84 3.20 18.95
N LEU A 32 -36.90 3.79 18.25
CA LEU A 32 -35.73 3.06 17.80
C LEU A 32 -34.46 3.84 18.06
N GLU A 33 -33.38 3.11 18.29
CA GLU A 33 -32.09 3.69 18.57
C GLU A 33 -31.17 3.39 17.40
N LEU A 34 -30.46 4.41 16.93
CA LEU A 34 -29.56 4.24 15.81
C LEU A 34 -28.13 4.55 16.19
N GLN A 35 -27.19 3.88 15.53
CA GLN A 35 -25.77 4.16 15.76
C GLN A 35 -25.26 4.74 14.44
N TYR A 36 -24.68 5.95 14.50
CA TYR A 36 -24.14 6.56 13.30
C TYR A 36 -22.65 6.28 13.21
N THR A 37 -22.20 5.92 12.00
CA THR A 37 -20.80 5.57 11.76
C THR A 37 -19.91 6.67 11.17
N GLY A 38 -20.46 7.85 10.90
CA GLY A 38 -19.65 8.89 10.31
C GLY A 38 -19.02 9.91 11.24
N THR A 39 -18.11 10.71 10.70
CA THR A 39 -17.42 11.75 11.45
C THR A 39 -17.76 13.11 10.83
N ASP A 40 -18.77 13.13 9.97
CA ASP A 40 -19.14 14.35 9.27
C ASP A 40 -20.21 15.18 9.96
N GLY A 41 -20.60 14.77 11.16
CA GLY A 41 -21.61 15.51 11.89
C GLY A 41 -21.01 16.80 12.43
N PRO A 42 -21.83 17.66 13.06
CA PRO A 42 -23.26 17.46 13.25
C PRO A 42 -23.98 17.44 11.91
N CYS A 43 -24.83 16.43 11.70
CA CYS A 43 -25.57 16.32 10.44
C CYS A 43 -27.00 15.82 10.69
N LYS A 44 -27.87 16.10 9.72
CA LYS A 44 -29.26 15.69 9.82
C LYS A 44 -29.44 14.23 9.43
N VAL A 45 -30.21 13.50 10.22
CA VAL A 45 -30.44 12.08 9.95
C VAL A 45 -31.46 11.90 8.84
N PRO A 46 -31.11 11.16 7.79
CA PRO A 46 -32.05 10.94 6.70
C PRO A 46 -32.93 9.74 7.08
N ILE A 47 -34.01 10.00 7.77
CA ILE A 47 -34.88 8.89 8.16
C ILE A 47 -36.31 9.19 7.73
N SER A 48 -37.06 8.15 7.43
CA SER A 48 -38.43 8.35 7.01
C SER A 48 -39.26 7.07 7.08
N SER A 49 -40.56 7.25 7.25
CA SER A 49 -41.50 6.15 7.32
C SER A 49 -42.21 6.14 5.98
N VAL A 50 -41.93 5.14 5.16
CA VAL A 50 -42.55 5.03 3.85
C VAL A 50 -43.39 3.77 3.77
N ALA A 51 -44.36 3.78 2.84
CA ALA A 51 -45.27 2.67 2.64
C ALA A 51 -44.58 1.45 2.02
N SER A 52 -43.86 1.68 0.93
CA SER A 52 -43.16 0.60 0.26
C SER A 52 -41.77 1.08 -0.12
N LEU A 53 -40.88 0.12 -0.39
CA LEU A 53 -39.52 0.45 -0.78
C LEU A 53 -39.54 0.91 -2.23
N ASN A 54 -40.67 0.68 -2.90
CA ASN A 54 -40.84 1.09 -4.30
C ASN A 54 -41.14 2.58 -4.38
N ASP A 55 -41.46 3.17 -3.23
CA ASP A 55 -41.75 4.59 -3.16
C ASP A 55 -41.29 5.11 -1.80
N LEU A 56 -40.29 5.98 -1.81
CA LEU A 56 -39.76 6.54 -0.57
C LEU A 56 -40.46 7.82 -0.14
N THR A 57 -41.65 8.07 -0.66
CA THR A 57 -42.41 9.25 -0.28
C THR A 57 -42.82 9.07 1.18
N PRO A 58 -42.33 9.96 2.05
CA PRO A 58 -42.64 9.90 3.47
C PRO A 58 -44.15 9.91 3.71
N VAL A 59 -44.67 8.85 4.30
CA VAL A 59 -46.10 8.74 4.58
C VAL A 59 -46.37 8.75 6.07
N GLY A 60 -45.37 8.31 6.84
CA GLY A 60 -45.49 8.30 8.30
C GLY A 60 -44.94 9.62 8.78
N ARG A 61 -44.90 9.83 10.09
CA ARG A 61 -44.37 11.09 10.59
C ARG A 61 -43.43 10.92 11.78
N LEU A 62 -42.38 11.73 11.78
CA LEU A 62 -41.42 11.68 12.87
C LEU A 62 -41.99 12.39 14.08
N VAL A 63 -41.84 11.76 15.24
CA VAL A 63 -42.33 12.37 16.47
C VAL A 63 -41.15 13.15 17.04
N THR A 64 -39.95 12.61 16.85
CA THR A 64 -38.74 13.27 17.33
C THR A 64 -38.45 14.44 16.41
N VAL A 65 -38.22 15.60 16.99
CA VAL A 65 -37.94 16.80 16.22
C VAL A 65 -36.59 16.80 15.53
N ASN A 66 -36.63 17.00 14.21
CA ASN A 66 -35.44 17.06 13.36
C ASN A 66 -34.29 16.20 13.88
N PRO A 67 -34.38 14.89 13.72
CA PRO A 67 -33.34 13.96 14.18
C PRO A 67 -31.94 14.40 13.71
N PHE A 68 -30.98 14.45 14.63
CA PHE A 68 -29.62 14.88 14.33
C PHE A 68 -28.52 14.15 15.06
N VAL A 69 -27.35 14.09 14.44
CA VAL A 69 -26.18 13.53 15.07
C VAL A 69 -25.54 14.83 15.52
N SER A 70 -25.49 15.08 16.83
CA SER A 70 -24.92 16.33 17.33
C SER A 70 -23.41 16.41 17.41
N VAL A 71 -22.73 15.32 17.09
CA VAL A 71 -21.28 15.32 17.17
C VAL A 71 -20.58 15.05 15.85
N ALA A 72 -19.27 15.29 15.84
CA ALA A 72 -18.44 15.07 14.67
C ALA A 72 -17.51 13.89 15.01
N THR A 73 -17.95 13.07 15.96
CA THR A 73 -17.21 11.88 16.36
C THR A 73 -18.10 10.70 16.01
N ALA A 74 -17.50 9.59 15.61
CA ALA A 74 -18.26 8.42 15.22
C ALA A 74 -18.83 7.63 16.39
N ASN A 75 -19.71 6.69 16.06
CA ASN A 75 -20.36 5.85 17.06
C ASN A 75 -21.40 6.64 17.85
N ALA A 76 -21.85 7.76 17.30
CA ALA A 76 -22.86 8.55 18.00
C ALA A 76 -24.20 7.81 17.89
N LYS A 77 -24.94 7.75 18.98
CA LYS A 77 -26.23 7.07 18.94
C LYS A 77 -27.35 8.09 19.05
N VAL A 78 -28.41 7.87 18.27
CA VAL A 78 -29.55 8.77 18.26
C VAL A 78 -30.86 8.02 18.48
N LEU A 79 -31.75 8.62 19.25
CA LEU A 79 -33.03 8.05 19.57
C LEU A 79 -34.10 8.72 18.72
N ILE A 80 -34.97 7.90 18.11
CA ILE A 80 -36.03 8.42 17.25
C ILE A 80 -37.39 7.77 17.50
N GLU A 81 -38.44 8.58 17.55
CA GLU A 81 -39.80 8.10 17.73
C GLU A 81 -40.57 8.47 16.46
N LEU A 82 -41.26 7.49 15.87
CA LEU A 82 -42.04 7.71 14.65
C LEU A 82 -43.47 7.21 14.73
N GLU A 83 -44.31 7.81 13.90
CA GLU A 83 -45.71 7.39 13.80
C GLU A 83 -45.86 6.86 12.37
N PRO A 84 -45.52 5.57 12.18
CA PRO A 84 -45.63 4.95 10.85
C PRO A 84 -47.09 4.78 10.48
N PRO A 85 -47.40 4.68 9.18
CA PRO A 85 -48.81 4.50 8.81
C PRO A 85 -49.34 3.16 9.31
N PHE A 86 -50.64 2.93 9.16
CA PHE A 86 -51.23 1.67 9.59
C PHE A 86 -50.97 0.63 8.50
N GLY A 87 -50.80 -0.62 8.90
CA GLY A 87 -50.53 -1.66 7.93
C GLY A 87 -49.03 -1.79 7.76
N ASP A 88 -48.57 -2.00 6.53
CA ASP A 88 -47.15 -2.15 6.27
C ASP A 88 -46.45 -0.85 5.93
N SER A 89 -45.18 -0.76 6.31
CA SER A 89 -44.37 0.41 6.06
C SER A 89 -42.92 0.05 6.37
N TYR A 90 -42.01 0.94 6.01
CA TYR A 90 -40.60 0.68 6.27
C TYR A 90 -39.98 1.92 6.88
N ILE A 91 -39.00 1.69 7.75
CA ILE A 91 -38.26 2.77 8.38
C ILE A 91 -36.98 2.79 7.57
N VAL A 92 -36.77 3.85 6.80
CA VAL A 92 -35.59 3.95 5.98
C VAL A 92 -34.63 5.02 6.47
N VAL A 93 -33.36 4.65 6.52
CA VAL A 93 -32.33 5.56 6.96
C VAL A 93 -31.24 5.59 5.91
N GLY A 94 -30.83 6.80 5.53
CA GLY A 94 -29.80 6.96 4.53
C GLY A 94 -30.34 6.87 3.12
N ARG A 95 -29.45 6.96 2.14
CA ARG A 95 -29.87 6.87 0.75
C ARG A 95 -28.73 6.32 -0.10
N GLY A 96 -28.99 6.16 -1.39
CA GLY A 96 -27.97 5.66 -2.29
C GLY A 96 -27.53 4.28 -1.87
N GLU A 97 -26.25 4.03 -1.97
CA GLU A 97 -25.70 2.73 -1.61
C GLU A 97 -25.63 2.48 -0.10
N GLN A 98 -25.80 3.52 0.71
CA GLN A 98 -25.76 3.32 2.16
C GLN A 98 -27.12 3.45 2.83
N GLN A 99 -28.17 3.24 2.04
CA GLN A 99 -29.51 3.30 2.57
C GLN A 99 -29.85 1.95 3.17
N ILE A 100 -30.47 1.97 4.35
CA ILE A 100 -30.89 0.75 5.03
C ILE A 100 -32.34 0.92 5.41
N ASN A 101 -33.04 -0.19 5.60
CA ASN A 101 -34.44 -0.10 5.97
C ASN A 101 -34.79 -1.19 6.95
N HIS A 102 -35.93 -1.02 7.59
CA HIS A 102 -36.42 -1.99 8.55
C HIS A 102 -37.91 -2.03 8.33
N HIS A 103 -38.43 -3.23 8.09
CA HIS A 103 -39.85 -3.41 7.85
C HIS A 103 -40.63 -3.17 9.13
N TRP A 104 -41.93 -2.91 8.98
CA TRP A 104 -42.78 -2.67 10.12
C TRP A 104 -44.24 -2.79 9.72
N HIS A 105 -45.08 -3.23 10.66
CA HIS A 105 -46.50 -3.36 10.42
C HIS A 105 -47.28 -2.90 11.62
N LYS A 106 -48.16 -1.92 11.41
CA LYS A 106 -48.96 -1.37 12.50
C LYS A 106 -50.39 -1.87 12.42
N SER A 107 -50.79 -2.71 13.36
CA SER A 107 -52.15 -3.22 13.37
C SER A 107 -53.14 -2.13 13.79
N GLN B 1 -17.35 -3.76 -10.44
CA GLN B 1 -16.14 -3.88 -9.59
C GLN B 1 -15.62 -2.50 -9.25
N VAL B 2 -15.61 -2.17 -7.97
CA VAL B 2 -15.13 -0.85 -7.55
C VAL B 2 -13.65 -0.73 -7.84
N GLN B 3 -13.27 0.28 -8.61
CA GLN B 3 -11.87 0.50 -8.92
C GLN B 3 -11.52 1.97 -9.13
N LEU B 4 -10.28 2.32 -8.77
CA LEU B 4 -9.80 3.69 -8.89
C LEU B 4 -8.52 3.79 -9.71
N GLN B 5 -8.61 4.45 -10.87
CA GLN B 5 -7.47 4.61 -11.73
C GLN B 5 -6.90 6.02 -11.59
N GLN B 6 -5.73 6.14 -10.99
CA GLN B 6 -5.08 7.43 -10.77
C GLN B 6 -4.19 7.87 -11.92
N SER B 7 -3.81 9.14 -11.95
CA SER B 7 -2.94 9.65 -13.00
C SER B 7 -1.54 9.10 -12.74
N GLY B 8 -0.69 9.11 -13.77
CA GLY B 8 0.65 8.58 -13.60
C GLY B 8 1.60 9.42 -12.75
N SER B 9 2.65 8.76 -12.24
CA SER B 9 3.65 9.45 -11.44
C SER B 9 4.19 10.64 -12.21
N GLU B 10 4.74 11.61 -11.51
CA GLU B 10 5.27 12.80 -12.16
C GLU B 10 6.35 13.52 -11.36
N LEU B 11 7.24 14.18 -12.08
CA LEU B 11 8.33 14.94 -11.48
C LEU B 11 7.94 16.38 -11.71
N MET B 12 7.88 17.17 -10.64
CA MET B 12 7.48 18.57 -10.73
C MET B 12 8.53 19.49 -10.12
N LYS B 13 8.65 20.69 -10.67
CA LYS B 13 9.60 21.67 -10.15
C LYS B 13 9.04 22.14 -8.84
N PRO B 14 9.90 22.45 -7.87
CA PRO B 14 9.35 22.93 -6.60
C PRO B 14 8.63 24.25 -6.91
N GLY B 15 7.55 24.53 -6.17
CA GLY B 15 6.81 25.76 -6.41
C GLY B 15 5.69 25.58 -7.42
N ALA B 16 5.86 24.61 -8.30
CA ALA B 16 4.86 24.32 -9.33
C ALA B 16 3.59 23.77 -8.72
N SER B 17 2.59 23.58 -9.56
CA SER B 17 1.29 23.08 -9.13
C SER B 17 0.94 21.86 -9.99
N VAL B 18 0.35 20.85 -9.38
CA VAL B 18 -0.01 19.64 -10.13
C VAL B 18 -1.41 19.15 -9.80
N GLN B 19 -1.96 18.33 -10.68
CA GLN B 19 -3.28 17.80 -10.48
C GLN B 19 -3.26 16.28 -10.62
N ILE B 20 -3.60 15.57 -9.54
CA ILE B 20 -3.68 14.12 -9.61
C ILE B 20 -5.16 13.79 -9.86
N SER B 21 -5.40 12.86 -10.78
CA SER B 21 -6.78 12.48 -11.08
C SER B 21 -7.07 11.11 -10.48
N CYS B 22 -8.35 10.87 -10.26
CA CYS B 22 -8.78 9.60 -9.72
C CYS B 22 -10.14 9.25 -10.33
N LYS B 23 -10.11 8.38 -11.34
CA LYS B 23 -11.32 7.96 -12.03
C LYS B 23 -11.97 6.77 -11.34
N ALA B 24 -13.19 6.98 -10.87
CA ALA B 24 -13.94 5.95 -10.18
C ALA B 24 -14.94 5.25 -11.10
N THR B 25 -14.99 3.92 -11.00
CA THR B 25 -15.92 3.14 -11.79
C THR B 25 -16.34 1.95 -10.94
N GLY B 26 -17.46 1.33 -11.31
CA GLY B 26 -17.91 0.17 -10.57
C GLY B 26 -18.81 0.46 -9.37
N TYR B 27 -19.17 1.72 -9.17
CA TYR B 27 -20.03 2.09 -8.05
C TYR B 27 -20.62 3.49 -8.23
N THR B 28 -21.61 3.82 -7.42
CA THR B 28 -22.24 5.14 -7.49
C THR B 28 -21.29 6.20 -6.95
N PHE B 29 -20.55 6.81 -7.87
CA PHE B 29 -19.57 7.84 -7.58
C PHE B 29 -19.99 8.83 -6.50
N SER B 30 -21.14 9.46 -6.72
CA SER B 30 -21.65 10.48 -5.80
C SER B 30 -22.02 10.04 -4.38
N ASP B 31 -22.25 8.75 -4.13
CA ASP B 31 -22.64 8.36 -2.77
C ASP B 31 -21.48 8.15 -1.81
N TYR B 32 -20.27 8.42 -2.26
CA TYR B 32 -19.13 8.19 -1.38
C TYR B 32 -18.15 9.34 -1.24
N TRP B 33 -17.25 9.16 -0.28
CA TRP B 33 -16.20 10.12 -0.02
C TRP B 33 -14.93 9.52 -0.60
N ILE B 34 -14.17 10.33 -1.32
CA ILE B 34 -12.90 9.87 -1.86
C ILE B 34 -11.86 10.45 -0.89
N GLU B 35 -10.98 9.59 -0.40
CA GLU B 35 -9.94 10.04 0.53
C GLU B 35 -8.65 10.23 -0.23
N TRP B 36 -7.83 11.15 0.26
CA TRP B 36 -6.55 11.38 -0.34
C TRP B 36 -5.52 11.14 0.76
N VAL B 37 -4.74 10.07 0.61
CA VAL B 37 -3.75 9.74 1.60
C VAL B 37 -2.34 9.90 1.08
N LYS B 38 -1.51 10.50 1.91
CA LYS B 38 -0.13 10.74 1.54
C LYS B 38 0.79 9.77 2.27
N GLN B 39 1.90 9.43 1.62
CA GLN B 39 2.91 8.56 2.20
C GLN B 39 4.27 8.85 1.62
N ARG B 40 5.07 9.63 2.35
CA ARG B 40 6.41 9.95 1.92
C ARG B 40 7.19 8.65 2.08
N PRO B 41 7.99 8.29 1.07
CA PRO B 41 8.82 7.06 1.01
C PRO B 41 9.19 6.38 2.33
N GLY B 42 9.93 7.06 3.19
CA GLY B 42 10.31 6.42 4.43
C GLY B 42 9.30 6.55 5.55
N HIS B 43 8.25 7.33 5.31
CA HIS B 43 7.23 7.57 6.33
C HIS B 43 6.03 6.62 6.29
N GLY B 44 5.07 6.88 7.18
CA GLY B 44 3.87 6.06 7.24
C GLY B 44 2.75 6.73 6.45
N LEU B 45 1.52 6.53 6.91
CA LEU B 45 0.36 7.10 6.23
C LEU B 45 -0.22 8.31 6.93
N GLU B 46 -0.48 9.36 6.16
CA GLU B 46 -1.09 10.56 6.70
C GLU B 46 -2.25 11.05 5.83
N TRP B 47 -3.35 11.37 6.51
CA TRP B 47 -4.58 11.82 5.86
C TRP B 47 -4.48 13.24 5.32
N ILE B 48 -4.69 13.40 4.01
CA ILE B 48 -4.63 14.74 3.43
C ILE B 48 -6.00 15.42 3.50
N GLY B 49 -7.05 14.62 3.38
CA GLY B 49 -8.40 15.14 3.42
C GLY B 49 -9.26 14.30 2.50
N ASP B 50 -10.55 14.62 2.44
CA ASP B 50 -11.45 13.88 1.59
C ASP B 50 -12.49 14.82 1.00
N ILE B 51 -13.34 14.28 0.13
CA ILE B 51 -14.38 15.07 -0.51
C ILE B 51 -15.60 14.20 -0.81
N LEU B 52 -16.77 14.68 -0.41
CA LEU B 52 -18.00 13.95 -0.65
C LEU B 52 -18.41 14.23 -2.10
N CYS B 53 -17.98 13.35 -3.00
CA CYS B 53 -18.25 13.49 -4.41
C CYS B 53 -19.67 13.90 -4.77
N GLY B 54 -20.63 13.50 -3.97
CA GLY B 54 -22.01 13.84 -4.25
C GLY B 54 -22.42 15.27 -3.95
N THR B 55 -21.75 15.91 -3.00
CA THR B 55 -22.11 17.29 -2.65
C THR B 55 -20.97 18.27 -2.85
N GLY B 56 -19.75 17.74 -2.92
CA GLY B 56 -18.60 18.60 -3.09
C GLY B 56 -18.03 19.05 -1.76
N ARG B 57 -18.61 18.59 -0.66
CA ARG B 57 -18.10 18.99 0.65
C ARG B 57 -16.66 18.50 0.82
N THR B 58 -15.81 19.36 1.35
CA THR B 58 -14.42 19.00 1.54
C THR B 58 -13.97 19.16 2.98
N ARG B 59 -13.04 18.29 3.39
CA ARG B 59 -12.47 18.33 4.72
C ARG B 59 -10.97 18.17 4.52
N TYR B 60 -10.21 19.17 4.95
CA TYR B 60 -8.76 19.15 4.79
C TYR B 60 -8.02 19.02 6.12
N ASN B 61 -6.88 18.33 6.07
CA ASN B 61 -6.04 18.19 7.24
C ASN B 61 -5.36 19.56 7.27
N GLU B 62 -6.08 20.54 7.81
CA GLU B 62 -5.62 21.92 7.92
C GLU B 62 -4.14 22.12 8.26
N LYS B 63 -3.66 21.34 9.22
CA LYS B 63 -2.28 21.43 9.69
C LYS B 63 -1.15 21.02 8.75
N LEU B 64 -1.47 20.41 7.62
CA LEU B 64 -0.40 19.99 6.72
C LEU B 64 0.21 21.11 5.91
N LYS B 65 1.55 21.14 5.93
CA LYS B 65 2.32 22.14 5.20
C LYS B 65 2.24 21.81 3.71
N ALA B 66 1.06 22.04 3.14
CA ALA B 66 0.81 21.78 1.73
C ALA B 66 -0.56 22.37 1.39
N MET B 67 -0.68 22.89 0.19
CA MET B 67 -1.92 23.49 -0.23
C MET B 67 -2.68 22.53 -1.15
N ALA B 68 -3.71 21.89 -0.60
CA ALA B 68 -4.53 20.93 -1.32
C ALA B 68 -5.90 21.45 -1.68
N THR B 69 -6.44 20.94 -2.78
CA THR B 69 -7.75 21.32 -3.27
C THR B 69 -8.40 20.09 -3.91
N PHE B 70 -9.59 19.74 -3.43
CA PHE B 70 -10.30 18.60 -3.97
C PHE B 70 -11.48 19.07 -4.81
N THR B 71 -11.70 18.39 -5.93
CA THR B 71 -12.83 18.68 -6.79
C THR B 71 -13.33 17.34 -7.27
N ALA B 72 -14.63 17.25 -7.51
CA ALA B 72 -15.22 16.00 -7.99
C ALA B 72 -16.03 16.28 -9.24
N ASP B 73 -15.63 15.64 -10.33
CA ASP B 73 -16.31 15.80 -11.60
C ASP B 73 -17.27 14.63 -11.73
N THR B 74 -18.49 14.82 -11.26
CA THR B 74 -19.50 13.78 -11.28
C THR B 74 -19.90 13.39 -12.71
N SER B 75 -19.48 14.19 -13.69
CA SER B 75 -19.78 13.90 -15.07
C SER B 75 -18.88 12.79 -15.58
N SER B 76 -17.62 12.84 -15.18
CA SER B 76 -16.65 11.83 -15.59
C SER B 76 -16.39 10.85 -14.45
N ASN B 77 -17.01 11.09 -13.29
CA ASN B 77 -16.81 10.24 -12.12
C ASN B 77 -15.31 10.20 -11.83
N THR B 78 -14.75 11.39 -11.63
CA THR B 78 -13.33 11.51 -11.36
C THR B 78 -13.13 12.52 -10.25
N ALA B 79 -12.26 12.17 -9.31
CA ALA B 79 -11.95 13.04 -8.19
C ALA B 79 -10.55 13.56 -8.46
N PHE B 80 -10.34 14.85 -8.25
CA PHE B 80 -9.03 15.42 -8.49
C PHE B 80 -8.50 16.04 -7.22
N MET B 81 -7.18 16.19 -7.20
CA MET B 81 -6.51 16.84 -6.09
C MET B 81 -5.49 17.79 -6.70
N GLN B 82 -5.63 19.07 -6.39
CA GLN B 82 -4.72 20.07 -6.88
C GLN B 82 -3.71 20.39 -5.78
N LEU B 83 -2.43 20.25 -6.09
CA LEU B 83 -1.37 20.54 -5.11
C LEU B 83 -0.48 21.66 -5.61
N SER B 84 -0.60 22.84 -5.01
CA SER B 84 0.20 23.99 -5.40
C SER B 84 1.35 24.28 -4.43
N SER B 85 2.27 25.14 -4.87
CA SER B 85 3.45 25.52 -4.10
C SER B 85 4.18 24.29 -3.55
N LEU B 86 4.52 23.39 -4.48
CA LEU B 86 5.21 22.15 -4.13
C LEU B 86 6.57 22.31 -3.48
N THR B 87 6.88 21.38 -2.58
CA THR B 87 8.12 21.36 -1.84
C THR B 87 8.70 19.95 -1.79
N SER B 88 9.99 19.83 -1.46
CA SER B 88 10.60 18.52 -1.38
C SER B 88 9.87 17.74 -0.29
N GLU B 89 9.15 18.47 0.57
CA GLU B 89 8.39 17.87 1.65
C GLU B 89 7.16 17.13 1.13
N ASP B 90 6.63 17.60 0.01
CA ASP B 90 5.44 17.00 -0.60
C ASP B 90 5.78 15.81 -1.50
N SER B 91 7.07 15.51 -1.65
CA SER B 91 7.44 14.38 -2.49
C SER B 91 6.99 13.11 -1.78
N ALA B 92 6.13 12.35 -2.45
CA ALA B 92 5.63 11.10 -1.87
C ALA B 92 4.68 10.35 -2.79
N VAL B 93 4.28 9.16 -2.34
CA VAL B 93 3.32 8.38 -3.10
C VAL B 93 1.96 8.87 -2.61
N TYR B 94 1.11 9.26 -3.55
CA TYR B 94 -0.20 9.73 -3.16
C TYR B 94 -1.25 8.72 -3.55
N TYR B 95 -2.05 8.33 -2.56
CA TYR B 95 -3.11 7.37 -2.80
C TYR B 95 -4.48 7.99 -2.89
N CYS B 96 -5.30 7.35 -3.71
CA CYS B 96 -6.67 7.75 -3.89
C CYS B 96 -7.43 6.61 -3.21
N ALA B 97 -8.28 6.92 -2.25
CA ALA B 97 -9.02 5.85 -1.57
C ALA B 97 -10.50 6.16 -1.49
N ARG B 98 -11.31 5.11 -1.36
CA ARG B 98 -12.74 5.34 -1.25
C ARG B 98 -13.19 5.09 0.17
N SER B 99 -13.85 6.08 0.77
CA SER B 99 -14.33 5.97 2.15
C SER B 99 -15.57 5.11 2.18
N ALA B 100 -15.53 4.06 3.00
CA ALA B 100 -16.63 3.11 3.12
C ALA B 100 -17.94 3.68 3.65
N SER B 101 -19.03 3.03 3.28
CA SER B 101 -20.34 3.47 3.74
C SER B 101 -20.44 3.44 5.25
N TYR B 102 -19.75 2.48 5.87
CA TYR B 102 -19.80 2.31 7.31
C TYR B 102 -18.75 3.04 8.15
N GLY B 103 -18.15 4.09 7.60
CA GLY B 103 -17.17 4.82 8.38
C GLY B 103 -16.02 5.44 7.60
N ASP B 104 -15.25 6.27 8.28
CA ASP B 104 -14.13 6.93 7.64
C ASP B 104 -12.90 6.06 7.44
N TYR B 105 -13.12 4.82 7.04
CA TYR B 105 -12.02 3.92 6.74
C TYR B 105 -12.17 3.63 5.24
N ALA B 106 -11.05 3.35 4.57
CA ALA B 106 -11.11 3.11 3.14
C ALA B 106 -11.13 1.62 2.82
N ASP B 107 -12.05 1.24 1.93
CA ASP B 107 -12.19 -0.14 1.52
C ASP B 107 -11.63 -0.41 0.12
N TYR B 108 -11.28 0.66 -0.59
CA TYR B 108 -10.70 0.54 -1.93
C TYR B 108 -9.70 1.67 -2.14
N TRP B 109 -8.49 1.29 -2.55
CA TRP B 109 -7.42 2.23 -2.78
C TRP B 109 -6.95 2.17 -4.21
N GLY B 110 -6.47 3.30 -4.72
CA GLY B 110 -5.94 3.31 -6.08
C GLY B 110 -4.53 2.80 -5.91
N HIS B 111 -3.81 2.57 -7.00
CA HIS B 111 -2.46 2.06 -6.89
C HIS B 111 -1.45 3.14 -6.54
N GLY B 112 -1.96 4.32 -6.22
CA GLY B 112 -1.09 5.42 -5.87
C GLY B 112 -0.30 6.00 -7.03
N THR B 113 -0.15 7.31 -7.00
CA THR B 113 0.61 8.01 -8.02
C THR B 113 1.80 8.63 -7.30
N THR B 114 3.01 8.40 -7.81
CA THR B 114 4.21 8.93 -7.18
C THR B 114 4.55 10.33 -7.67
N LEU B 115 4.68 11.25 -6.73
CA LEU B 115 5.00 12.63 -7.03
C LEU B 115 6.36 12.98 -6.43
N THR B 116 7.25 13.47 -7.28
CA THR B 116 8.58 13.84 -6.83
C THR B 116 8.81 15.32 -7.12
N VAL B 117 8.99 16.11 -6.08
CA VAL B 117 9.21 17.53 -6.22
C VAL B 117 10.71 17.73 -6.24
N SER B 118 11.24 18.09 -7.41
CA SER B 118 12.67 18.29 -7.58
C SER B 118 12.96 19.07 -8.85
N SER B 119 14.04 19.84 -8.81
CA SER B 119 14.46 20.64 -9.97
C SER B 119 15.28 19.78 -10.94
N ALA B 120 15.49 18.51 -10.58
CA ALA B 120 16.24 17.60 -11.41
C ALA B 120 15.41 17.16 -12.60
N LYS B 121 16.07 16.78 -13.68
CA LYS B 121 15.40 16.32 -14.88
C LYS B 121 15.11 14.81 -14.91
N THR B 122 13.97 14.47 -15.52
CA THR B 122 13.54 13.09 -15.63
C THR B 122 14.52 12.24 -16.44
N THR B 123 15.01 11.18 -15.83
CA THR B 123 15.95 10.30 -16.51
C THR B 123 15.43 8.87 -16.47
N PRO B 124 15.18 8.28 -17.64
CA PRO B 124 14.70 6.90 -17.62
C PRO B 124 15.92 6.07 -17.22
N PRO B 125 15.74 4.79 -16.86
CA PRO B 125 16.92 4.03 -16.48
C PRO B 125 17.48 3.17 -17.60
N SER B 126 18.75 2.81 -17.48
CA SER B 126 19.35 1.93 -18.46
C SER B 126 19.04 0.56 -17.87
N VAL B 127 18.49 -0.32 -18.69
CA VAL B 127 18.19 -1.64 -18.20
C VAL B 127 19.26 -2.55 -18.76
N TYR B 128 20.12 -3.04 -17.88
CA TYR B 128 21.20 -3.91 -18.30
C TYR B 128 20.88 -5.35 -17.94
N PRO B 129 21.11 -6.27 -18.87
CA PRO B 129 20.84 -7.68 -18.60
C PRO B 129 21.92 -8.29 -17.71
N LEU B 130 21.52 -9.25 -16.88
CA LEU B 130 22.45 -9.91 -15.99
C LEU B 130 22.46 -11.40 -16.29
N ALA B 131 23.53 -11.84 -16.94
CA ALA B 131 23.71 -13.24 -17.32
C ALA B 131 25.08 -13.73 -16.90
N PRO B 132 25.18 -15.01 -16.53
CA PRO B 132 26.41 -15.67 -16.09
C PRO B 132 27.57 -15.55 -17.10
N GLY B 133 28.80 -15.64 -16.58
CA GLY B 133 29.99 -15.55 -17.41
C GLY B 133 30.20 -16.73 -18.34
N CYS B 134 31.30 -17.48 -18.16
CA CYS B 134 31.60 -18.62 -19.02
C CYS B 134 31.68 -19.97 -18.30
N GLY B 135 32.82 -20.25 -17.68
CA GLY B 135 33.01 -21.51 -16.98
C GLY B 135 32.40 -21.60 -15.59
N ASP B 136 31.14 -22.03 -15.54
CA ASP B 136 30.42 -22.16 -14.28
C ASP B 136 29.43 -23.32 -14.25
N THR B 137 28.80 -23.59 -15.39
CA THR B 137 27.80 -24.67 -15.51
C THR B 137 27.04 -24.87 -14.19
N THR B 138 26.40 -23.79 -13.74
CA THR B 138 25.63 -23.78 -12.50
C THR B 138 24.85 -25.06 -12.26
N GLY B 139 24.39 -25.26 -11.02
CA GLY B 139 23.66 -26.46 -10.66
C GLY B 139 22.33 -26.73 -11.34
N SER B 140 21.31 -27.02 -10.55
CA SER B 140 19.98 -27.31 -11.06
C SER B 140 19.21 -26.06 -11.45
N SER B 141 19.69 -24.89 -11.04
CA SER B 141 19.00 -23.66 -11.37
C SER B 141 19.97 -22.54 -11.71
N VAL B 142 19.59 -21.72 -12.68
CA VAL B 142 20.43 -20.58 -13.06
C VAL B 142 19.68 -19.30 -12.68
N THR B 143 20.40 -18.35 -12.10
CA THR B 143 19.80 -17.09 -11.70
C THR B 143 20.23 -16.00 -12.67
N LEU B 144 19.26 -15.29 -13.21
CA LEU B 144 19.53 -14.20 -14.14
C LEU B 144 18.96 -12.94 -13.52
N GLY B 145 19.03 -11.84 -14.26
CA GLY B 145 18.49 -10.60 -13.74
C GLY B 145 18.63 -9.38 -14.62
N CYS B 146 18.24 -8.24 -14.09
CA CYS B 146 18.31 -6.96 -14.78
C CYS B 146 18.75 -5.90 -13.81
N LEU B 147 19.64 -5.05 -14.26
CA LEU B 147 20.14 -3.94 -13.46
C LEU B 147 19.51 -2.69 -14.06
N VAL B 148 18.67 -2.03 -13.26
CA VAL B 148 17.99 -0.81 -13.67
C VAL B 148 18.84 0.33 -13.09
N LYS B 149 19.67 0.92 -13.93
CA LYS B 149 20.59 1.95 -13.47
C LYS B 149 20.43 3.40 -13.95
N GLY B 150 20.74 4.32 -13.04
CA GLY B 150 20.70 5.75 -13.31
C GLY B 150 19.41 6.38 -13.75
N TYR B 151 18.40 6.37 -12.89
CA TYR B 151 17.12 6.96 -13.24
C TYR B 151 16.59 7.92 -12.18
N PHE B 152 15.59 8.71 -12.58
CA PHE B 152 14.98 9.69 -11.68
C PHE B 152 13.72 10.24 -12.32
N PRO B 153 12.66 10.47 -11.51
CA PRO B 153 12.56 10.24 -10.07
C PRO B 153 12.41 8.75 -9.81
N GLU B 154 12.12 8.36 -8.57
CA GLU B 154 11.98 6.95 -8.31
C GLU B 154 10.62 6.31 -8.59
N SER B 155 10.57 5.02 -8.25
CA SER B 155 9.45 4.14 -8.47
C SER B 155 9.51 3.62 -9.92
N VAL B 156 9.90 2.37 -10.05
CA VAL B 156 9.94 1.71 -11.34
C VAL B 156 9.35 0.35 -11.06
N THR B 157 8.80 -0.28 -12.08
CA THR B 157 8.23 -1.60 -11.86
C THR B 157 8.89 -2.58 -12.79
N VAL B 158 9.41 -3.65 -12.20
CA VAL B 158 10.08 -4.68 -12.95
C VAL B 158 9.24 -5.94 -12.94
N THR B 159 8.58 -6.19 -14.05
CA THR B 159 7.77 -7.38 -14.18
C THR B 159 8.55 -8.30 -15.13
N TRP B 160 8.76 -9.53 -14.69
CA TRP B 160 9.49 -10.50 -15.47
C TRP B 160 8.54 -11.40 -16.25
N ASN B 161 8.95 -11.73 -17.46
CA ASN B 161 8.16 -12.62 -18.30
C ASN B 161 9.07 -13.80 -18.65
N SER B 162 8.71 -15.00 -18.19
CA SER B 162 9.51 -16.18 -18.46
C SER B 162 8.72 -17.27 -19.18
N GLY B 163 9.44 -18.23 -19.74
CA GLY B 163 8.79 -19.33 -20.44
C GLY B 163 8.64 -20.51 -19.51
N SER B 164 9.44 -20.54 -18.45
CA SER B 164 9.41 -21.61 -17.46
C SER B 164 8.40 -21.27 -16.38
N LEU B 165 7.64 -22.27 -15.94
CA LEU B 165 6.65 -22.08 -14.89
C LEU B 165 7.35 -21.73 -13.59
N SER B 166 8.62 -22.07 -13.49
CA SER B 166 9.39 -21.76 -12.30
C SER B 166 10.21 -20.51 -12.58
N SER B 167 9.99 -19.48 -11.76
CA SER B 167 10.70 -18.21 -11.88
C SER B 167 10.57 -17.54 -10.54
N SER B 168 11.56 -17.68 -9.68
CA SER B 168 11.48 -17.01 -8.39
C SER B 168 12.18 -15.66 -8.56
N VAL B 169 11.42 -14.57 -8.42
CA VAL B 169 12.01 -13.26 -8.58
C VAL B 169 12.21 -12.51 -7.27
N HIS B 170 13.31 -11.76 -7.21
CA HIS B 170 13.63 -10.96 -6.04
C HIS B 170 13.84 -9.56 -6.57
N THR B 171 13.11 -8.61 -6.02
CA THR B 171 13.27 -7.23 -6.44
C THR B 171 13.98 -6.50 -5.30
N PHE B 172 15.10 -5.87 -5.62
CA PHE B 172 15.87 -5.16 -4.63
C PHE B 172 15.61 -3.66 -4.64
N PRO B 173 15.25 -3.10 -3.49
CA PRO B 173 14.97 -1.66 -3.39
C PRO B 173 16.05 -0.79 -4.02
N ALA B 174 15.63 0.38 -4.51
CA ALA B 174 16.55 1.30 -5.16
C ALA B 174 17.40 2.05 -4.13
N LEU B 175 18.53 2.57 -4.58
CA LEU B 175 19.42 3.33 -3.73
C LEU B 175 19.92 4.53 -4.52
N LEU B 176 20.01 5.67 -3.85
CA LEU B 176 20.49 6.88 -4.52
C LEU B 176 22.00 6.89 -4.61
N GLN B 177 22.51 7.52 -5.65
CA GLN B 177 23.95 7.63 -5.85
C GLN B 177 24.17 8.62 -6.99
N SER B 178 24.74 9.77 -6.64
CA SER B 178 25.04 10.83 -7.60
C SER B 178 23.75 11.41 -8.17
N GLY B 179 22.70 11.43 -7.35
CA GLY B 179 21.44 11.98 -7.78
C GLY B 179 20.57 11.01 -8.56
N LEU B 180 21.12 9.84 -8.85
CA LEU B 180 20.38 8.85 -9.60
C LEU B 180 20.09 7.59 -8.78
N TYR B 181 18.91 7.03 -9.04
CA TYR B 181 18.46 5.81 -8.38
C TYR B 181 18.90 4.58 -9.17
N THR B 182 19.40 3.58 -8.46
CA THR B 182 19.79 2.36 -9.11
C THR B 182 19.08 1.24 -8.38
N MET B 183 18.68 0.23 -9.13
CA MET B 183 17.95 -0.87 -8.57
C MET B 183 18.10 -2.10 -9.46
N SER B 184 17.74 -3.26 -8.94
CA SER B 184 17.83 -4.48 -9.72
C SER B 184 16.77 -5.50 -9.33
N SER B 185 16.65 -6.54 -10.14
CA SER B 185 15.70 -7.60 -9.88
C SER B 185 16.39 -8.88 -10.35
N SER B 186 16.17 -9.97 -9.63
CA SER B 186 16.76 -11.24 -10.03
C SER B 186 15.63 -12.22 -10.24
N VAL B 187 15.86 -13.19 -11.09
CA VAL B 187 14.88 -14.20 -11.37
C VAL B 187 15.67 -15.48 -11.52
N THR B 188 15.20 -16.53 -10.87
CA THR B 188 15.89 -17.82 -10.93
C THR B 188 14.99 -18.80 -11.66
N VAL B 189 15.59 -19.61 -12.52
CA VAL B 189 14.83 -20.60 -13.29
C VAL B 189 15.60 -21.90 -13.44
N PRO B 190 14.94 -22.96 -13.96
CA PRO B 190 15.63 -24.24 -14.13
C PRO B 190 16.80 -24.09 -15.11
N SER B 191 17.98 -24.59 -14.72
CA SER B 191 19.18 -24.54 -15.57
C SER B 191 18.96 -25.09 -16.97
N SER B 192 18.17 -26.16 -17.05
CA SER B 192 17.84 -26.83 -18.29
C SER B 192 17.11 -25.89 -19.27
N THR B 193 16.49 -24.85 -18.73
CA THR B 193 15.73 -23.93 -19.56
C THR B 193 16.50 -22.72 -20.10
N TRP B 194 17.72 -22.53 -19.63
CA TRP B 194 18.50 -21.40 -20.13
C TRP B 194 19.78 -21.86 -20.83
N PRO B 195 20.20 -21.15 -21.88
CA PRO B 195 19.55 -19.96 -22.46
C PRO B 195 18.55 -20.24 -23.56
N SER B 196 17.94 -21.41 -23.55
CA SER B 196 16.98 -21.76 -24.60
C SER B 196 15.64 -21.03 -24.44
N GLN B 197 15.22 -20.74 -23.22
CA GLN B 197 13.95 -20.04 -23.04
C GLN B 197 14.11 -18.54 -23.14
N THR B 198 12.99 -17.85 -23.32
CA THR B 198 13.00 -16.41 -23.42
C THR B 198 12.56 -15.79 -22.10
N VAL B 199 13.52 -15.13 -21.44
CA VAL B 199 13.28 -14.49 -20.16
C VAL B 199 13.53 -13.01 -20.33
N THR B 200 12.50 -12.20 -20.12
CA THR B 200 12.68 -10.77 -20.25
C THR B 200 12.08 -10.00 -19.09
N CYS B 201 12.76 -8.91 -18.73
CA CYS B 201 12.32 -8.05 -17.66
C CYS B 201 11.83 -6.76 -18.34
N SER B 202 10.57 -6.44 -18.15
CA SER B 202 10.05 -5.21 -18.73
C SER B 202 10.10 -4.22 -17.58
N VAL B 203 10.82 -3.13 -17.81
CA VAL B 203 11.01 -2.12 -16.79
C VAL B 203 10.17 -0.88 -17.06
N ALA B 204 9.18 -0.68 -16.20
CA ALA B 204 8.28 0.47 -16.33
C ALA B 204 8.70 1.63 -15.41
N HIS B 205 8.81 2.81 -16.00
CA HIS B 205 9.17 4.02 -15.28
C HIS B 205 8.02 4.99 -15.54
N PRO B 206 6.96 4.92 -14.71
CA PRO B 206 5.81 5.82 -14.91
C PRO B 206 6.20 7.28 -15.14
N ALA B 207 7.05 7.81 -14.26
CA ALA B 207 7.48 9.20 -14.37
C ALA B 207 7.93 9.61 -15.77
N SER B 208 8.53 8.69 -16.53
CA SER B 208 8.98 9.04 -17.88
C SER B 208 8.09 8.44 -18.96
N SER B 209 6.98 7.84 -18.54
CA SER B 209 6.03 7.25 -19.47
C SER B 209 6.68 6.17 -20.33
N THR B 210 7.72 5.52 -19.81
CA THR B 210 8.43 4.50 -20.55
C THR B 210 8.39 3.10 -19.96
N THR B 211 8.72 2.14 -20.82
CA THR B 211 8.76 0.76 -20.44
C THR B 211 9.75 0.09 -21.37
N VAL B 212 10.83 -0.42 -20.81
CA VAL B 212 11.85 -1.09 -21.59
C VAL B 212 11.85 -2.59 -21.40
N ASP B 213 11.84 -3.30 -22.52
CA ASP B 213 11.83 -4.75 -22.50
C ASP B 213 13.23 -5.30 -22.74
N LYS B 214 13.74 -6.05 -21.77
CA LYS B 214 15.06 -6.63 -21.92
C LYS B 214 15.02 -8.14 -22.00
N LYS B 215 15.35 -8.66 -23.17
CA LYS B 215 15.40 -10.11 -23.33
C LYS B 215 16.80 -10.46 -22.88
N LEU B 216 16.91 -11.43 -21.98
CA LEU B 216 18.23 -11.82 -21.51
C LEU B 216 18.95 -12.64 -22.57
N GLU B 217 20.24 -12.36 -22.74
CA GLU B 217 21.05 -13.06 -23.72
C GLU B 217 22.26 -13.64 -23.02
N PRO B 218 22.78 -14.78 -23.51
CA PRO B 218 23.96 -15.42 -22.91
C PRO B 218 25.16 -14.47 -22.99
N SER B 219 25.75 -14.14 -21.84
CA SER B 219 26.90 -13.23 -21.82
C SER B 219 28.24 -13.92 -22.01
N ASP C 1 -4.35 16.40 17.76
CA ASP C 1 -5.12 15.38 17.01
C ASP C 1 -4.90 14.03 17.66
N ILE C 2 -5.64 13.01 17.24
CA ILE C 2 -5.48 11.71 17.85
C ILE C 2 -4.23 11.00 17.33
N VAL C 3 -3.36 10.64 18.26
CA VAL C 3 -2.11 9.97 17.93
C VAL C 3 -2.25 8.46 18.04
N MET C 4 -1.92 7.77 16.96
CA MET C 4 -2.00 6.32 16.92
C MET C 4 -0.63 5.71 17.05
N THR C 5 -0.41 4.98 18.14
CA THR C 5 0.87 4.35 18.36
C THR C 5 0.72 2.83 18.41
N GLN C 6 1.43 2.16 17.51
CA GLN C 6 1.41 0.71 17.42
C GLN C 6 2.56 0.05 18.19
N SER C 7 2.40 -1.24 18.48
CA SER C 7 3.44 -1.97 19.21
C SER C 7 4.72 -1.98 18.36
N HIS C 8 5.85 -2.29 18.97
CA HIS C 8 7.14 -2.29 18.27
C HIS C 8 7.08 -2.62 16.78
N LYS C 9 7.53 -1.65 15.97
CA LYS C 9 7.53 -1.74 14.51
C LYS C 9 8.13 -2.97 13.86
N PHE C 10 9.19 -3.52 14.44
CA PHE C 10 9.80 -4.70 13.86
C PHE C 10 9.63 -5.92 14.74
N MET C 11 8.45 -6.54 14.61
CA MET C 11 8.14 -7.71 15.39
C MET C 11 8.40 -8.97 14.56
N SER C 12 8.62 -10.08 15.26
CA SER C 12 8.89 -11.36 14.59
C SER C 12 7.94 -12.44 15.07
N THR C 13 7.83 -13.49 14.29
CA THR C 13 6.98 -14.62 14.64
C THR C 13 7.37 -15.77 13.72
N SER C 14 6.88 -16.96 14.05
CA SER C 14 7.17 -18.12 13.23
C SER C 14 5.90 -18.57 12.54
N VAL C 15 6.02 -19.01 11.29
CA VAL C 15 4.87 -19.46 10.53
C VAL C 15 3.97 -20.37 11.38
N GLY C 16 2.67 -20.11 11.34
CA GLY C 16 1.73 -20.92 12.10
C GLY C 16 1.42 -20.41 13.48
N ASP C 17 2.28 -19.55 14.00
CA ASP C 17 2.03 -19.01 15.33
C ASP C 17 0.99 -17.90 15.31
N ARG C 18 0.67 -17.39 16.49
CA ARG C 18 -0.31 -16.33 16.63
C ARG C 18 0.46 -15.07 17.03
N VAL C 19 0.13 -13.95 16.40
CA VAL C 19 0.79 -12.70 16.74
C VAL C 19 -0.26 -11.65 16.98
N SER C 20 0.16 -10.56 17.62
CA SER C 20 -0.75 -9.45 17.90
C SER C 20 -0.06 -8.10 17.76
N ILE C 21 -0.48 -7.32 16.77
CA ILE C 21 0.09 -5.99 16.61
C ILE C 21 -0.91 -5.14 17.35
N THR C 22 -0.45 -4.32 18.27
CA THR C 22 -1.38 -3.49 19.01
C THR C 22 -1.38 -2.07 18.51
N CYS C 23 -2.43 -1.35 18.88
CA CYS C 23 -2.60 0.03 18.47
C CYS C 23 -3.19 0.80 19.64
N LYS C 24 -2.53 1.88 20.02
CA LYS C 24 -3.02 2.71 21.11
C LYS C 24 -3.35 4.09 20.58
N ALA C 25 -4.49 4.63 20.99
CA ALA C 25 -4.89 5.96 20.57
C ALA C 25 -4.82 6.86 21.79
N SER C 26 -4.35 8.09 21.60
CA SER C 26 -4.22 9.06 22.69
C SER C 26 -5.53 9.33 23.46
N GLN C 27 -6.65 8.86 22.90
CA GLN C 27 -7.96 9.02 23.55
C GLN C 27 -8.92 7.94 23.08
N ASP C 28 -10.05 7.80 23.78
CA ASP C 28 -11.06 6.80 23.44
C ASP C 28 -11.59 7.07 22.04
N VAL C 29 -11.31 6.17 21.10
CA VAL C 29 -11.79 6.34 19.73
C VAL C 29 -13.02 5.49 19.50
N SER C 30 -13.76 5.29 20.58
CA SER C 30 -15.00 4.52 20.61
C SER C 30 -15.15 3.36 19.62
N THR C 31 -14.19 2.42 19.64
CA THR C 31 -14.27 1.25 18.77
C THR C 31 -14.03 1.54 17.29
N ALA C 32 -13.95 2.82 16.93
CA ALA C 32 -13.73 3.21 15.54
C ALA C 32 -12.27 3.12 15.10
N VAL C 33 -11.78 1.91 14.87
CA VAL C 33 -10.40 1.70 14.43
C VAL C 33 -10.35 0.64 13.34
N ALA C 34 -9.52 0.89 12.34
CA ALA C 34 -9.37 -0.03 11.22
C ALA C 34 -7.92 -0.48 11.06
N TRP C 35 -7.74 -1.60 10.37
CA TRP C 35 -6.41 -2.11 10.11
C TRP C 35 -6.20 -2.37 8.63
N TYR C 36 -5.05 -1.96 8.11
CA TYR C 36 -4.75 -2.18 6.70
C TYR C 36 -3.48 -2.99 6.61
N GLN C 37 -3.33 -3.71 5.51
CA GLN C 37 -2.14 -4.52 5.25
C GLN C 37 -1.50 -3.97 4.00
N GLN C 38 -0.19 -3.75 4.04
CA GLN C 38 0.47 -3.25 2.85
C GLN C 38 1.72 -4.04 2.52
N LYS C 39 1.66 -4.70 1.37
CA LYS C 39 2.77 -5.52 0.88
C LYS C 39 3.61 -4.68 -0.08
N PRO C 40 4.92 -4.92 -0.10
CA PRO C 40 5.88 -4.21 -0.96
C PRO C 40 5.35 -3.88 -2.36
N GLY C 41 5.38 -2.58 -2.67
CA GLY C 41 4.90 -2.12 -3.97
C GLY C 41 3.46 -2.50 -4.22
N GLN C 42 2.61 -2.22 -3.25
CA GLN C 42 1.19 -2.52 -3.35
C GLN C 42 0.37 -1.50 -2.58
N SER C 43 -0.87 -1.32 -2.99
CA SER C 43 -1.74 -0.37 -2.31
C SER C 43 -2.14 -1.00 -0.99
N PRO C 44 -2.48 -0.19 0.01
CA PRO C 44 -2.90 -0.75 1.29
C PRO C 44 -4.16 -1.57 1.05
N LYS C 45 -4.41 -2.56 1.90
CA LYS C 45 -5.61 -3.39 1.77
C LYS C 45 -6.34 -3.39 3.10
N LEU C 46 -7.63 -3.11 3.06
CA LEU C 46 -8.43 -3.07 4.27
C LEU C 46 -8.58 -4.46 4.89
N LEU C 47 -8.32 -4.56 6.19
CA LEU C 47 -8.45 -5.85 6.87
C LEU C 47 -9.60 -5.88 7.87
N ILE C 48 -9.60 -4.88 8.74
CA ILE C 48 -10.60 -4.77 9.80
C ILE C 48 -11.11 -3.36 9.91
N SER C 49 -12.40 -3.21 10.17
CA SER C 49 -13.02 -1.91 10.37
C SER C 49 -13.77 -2.01 11.70
N TRP C 50 -13.85 -0.90 12.41
CA TRP C 50 -14.55 -0.88 13.69
C TRP C 50 -14.04 -1.94 14.67
N ALA C 51 -12.72 -1.97 14.81
CA ALA C 51 -12.06 -2.89 15.72
C ALA C 51 -12.15 -4.38 15.42
N SER C 52 -13.34 -4.88 15.10
CA SER C 52 -13.50 -6.30 14.87
C SER C 52 -14.15 -6.78 13.59
N THR C 53 -14.75 -5.87 12.82
CA THR C 53 -15.41 -6.29 11.59
C THR C 53 -14.41 -6.70 10.52
N ARG C 54 -14.43 -7.97 10.14
CA ARG C 54 -13.51 -8.47 9.13
C ARG C 54 -14.04 -8.23 7.73
N HIS C 55 -13.24 -7.54 6.93
CA HIS C 55 -13.61 -7.23 5.57
C HIS C 55 -13.62 -8.52 4.74
N THR C 56 -14.35 -8.51 3.63
CA THR C 56 -14.42 -9.68 2.76
C THR C 56 -13.11 -9.84 1.99
N GLY C 57 -12.79 -11.06 1.60
CA GLY C 57 -11.55 -11.29 0.89
C GLY C 57 -10.42 -11.23 1.90
N VAL C 58 -10.77 -11.45 3.17
CA VAL C 58 -9.82 -11.45 4.27
C VAL C 58 -10.05 -12.73 5.07
N PRO C 59 -9.04 -13.61 5.12
CA PRO C 59 -9.14 -14.88 5.84
C PRO C 59 -9.40 -14.72 7.34
N ASP C 60 -10.29 -15.57 7.87
CA ASP C 60 -10.66 -15.50 9.28
C ASP C 60 -9.51 -15.67 10.25
N ARG C 61 -8.31 -15.95 9.76
CA ARG C 61 -7.18 -16.10 10.67
C ARG C 61 -6.83 -14.70 11.17
N PHE C 62 -7.43 -13.70 10.52
CA PHE C 62 -7.23 -12.30 10.89
C PHE C 62 -8.42 -11.82 11.74
N THR C 63 -8.16 -11.55 13.00
CA THR C 63 -9.21 -11.04 13.86
C THR C 63 -8.70 -9.82 14.58
N GLY C 64 -9.59 -8.85 14.73
CA GLY C 64 -9.24 -7.64 15.43
C GLY C 64 -10.12 -7.58 16.66
N SER C 65 -9.72 -6.78 17.62
CA SER C 65 -10.52 -6.63 18.82
C SER C 65 -10.04 -5.36 19.48
N GLY C 66 -10.92 -4.70 20.23
CA GLY C 66 -10.49 -3.48 20.88
C GLY C 66 -11.64 -2.55 21.20
N SER C 67 -11.33 -1.52 21.97
CA SER C 67 -12.32 -0.55 22.37
C SER C 67 -11.62 0.54 23.14
N GLY C 68 -12.41 1.51 23.61
CA GLY C 68 -11.83 2.60 24.36
C GLY C 68 -10.60 3.16 23.68
N THR C 69 -9.43 2.76 24.19
CA THR C 69 -8.17 3.27 23.68
C THR C 69 -7.21 2.21 23.14
N ASP C 70 -7.50 0.93 23.36
CA ASP C 70 -6.62 -0.15 22.92
C ASP C 70 -7.27 -1.07 21.90
N TYR C 71 -6.51 -1.37 20.85
CA TYR C 71 -6.99 -2.24 19.77
C TYR C 71 -5.90 -3.24 19.36
N THR C 72 -6.33 -4.47 19.10
CA THR C 72 -5.39 -5.52 18.72
C THR C 72 -5.80 -6.23 17.43
N LEU C 73 -4.81 -6.50 16.61
CA LEU C 73 -5.00 -7.20 15.35
C LEU C 73 -4.28 -8.52 15.58
N THR C 74 -5.03 -9.60 15.69
CA THR C 74 -4.41 -10.90 15.91
C THR C 74 -4.44 -11.71 14.62
N ILE C 75 -3.31 -12.33 14.32
CA ILE C 75 -3.21 -13.18 13.13
C ILE C 75 -2.94 -14.58 13.65
N SER C 76 -3.97 -15.43 13.65
CA SER C 76 -3.82 -16.81 14.11
C SER C 76 -3.15 -17.60 13.00
N SER C 77 -2.31 -18.56 13.38
CA SER C 77 -1.62 -19.37 12.40
C SER C 77 -1.03 -18.50 11.30
N VAL C 78 -0.04 -17.70 11.65
CA VAL C 78 0.60 -16.81 10.67
C VAL C 78 1.14 -17.58 9.47
N GLN C 79 1.07 -16.96 8.30
CA GLN C 79 1.55 -17.56 7.06
C GLN C 79 2.62 -16.68 6.43
N ALA C 80 3.35 -17.23 5.47
CA ALA C 80 4.40 -16.49 4.80
C ALA C 80 3.81 -15.37 3.95
N GLU C 81 2.58 -15.56 3.48
CA GLU C 81 1.92 -14.56 2.65
C GLU C 81 1.42 -13.41 3.51
N ASP C 82 1.62 -13.51 4.82
CA ASP C 82 1.19 -12.45 5.72
C ASP C 82 2.31 -11.46 5.98
N LEU C 83 3.48 -11.71 5.40
CA LEU C 83 4.60 -10.80 5.55
C LEU C 83 4.15 -9.49 4.90
N ALA C 84 4.16 -8.41 5.67
CA ALA C 84 3.72 -7.13 5.15
C ALA C 84 3.81 -6.04 6.23
N LEU C 85 3.42 -4.84 5.85
CA LEU C 85 3.41 -3.71 6.77
C LEU C 85 1.96 -3.56 7.20
N TYR C 86 1.73 -3.40 8.50
CA TYR C 86 0.37 -3.27 9.03
C TYR C 86 0.14 -1.95 9.76
N TYR C 87 -0.88 -1.22 9.33
CA TYR C 87 -1.20 0.04 9.95
C TYR C 87 -2.60 0.03 10.52
N CYS C 88 -2.79 0.79 11.58
CA CYS C 88 -4.09 0.93 12.18
C CYS C 88 -4.45 2.37 11.89
N GLN C 89 -5.74 2.67 11.83
CA GLN C 89 -6.18 4.01 11.55
C GLN C 89 -7.45 4.24 12.33
N GLN C 90 -7.55 5.38 13.00
CA GLN C 90 -8.77 5.65 13.73
C GLN C 90 -9.73 6.39 12.83
N HIS C 91 -10.99 6.01 12.87
CA HIS C 91 -12.01 6.68 12.07
C HIS C 91 -13.09 7.26 12.99
N TYR C 92 -12.63 7.78 14.12
CA TYR C 92 -13.46 8.37 15.16
C TYR C 92 -13.72 9.84 14.87
N THR C 93 -12.72 10.53 14.35
CA THR C 93 -12.89 11.95 14.06
C THR C 93 -11.77 12.48 13.19
N THR C 94 -12.01 13.60 12.54
CA THR C 94 -10.98 14.19 11.70
C THR C 94 -10.10 15.07 12.58
N PRO C 95 -8.81 15.17 12.23
CA PRO C 95 -8.24 14.47 11.07
C PRO C 95 -8.05 12.98 11.32
N LEU C 96 -8.19 12.19 10.26
CA LEU C 96 -7.99 10.76 10.35
C LEU C 96 -6.50 10.51 10.53
N THR C 97 -6.13 9.63 11.46
CA THR C 97 -4.72 9.35 11.73
C THR C 97 -4.33 7.87 11.74
N PHE C 98 -3.13 7.59 11.24
CA PHE C 98 -2.63 6.21 11.17
C PHE C 98 -1.48 5.95 12.14
N GLY C 99 -1.29 4.68 12.47
CA GLY C 99 -0.19 4.32 13.33
C GLY C 99 1.01 4.24 12.40
N ALA C 100 2.22 4.24 12.96
CA ALA C 100 3.44 4.19 12.15
C ALA C 100 3.58 2.87 11.39
N GLY C 101 2.81 1.87 11.77
CA GLY C 101 2.87 0.60 11.10
C GLY C 101 3.79 -0.40 11.79
N THR C 102 3.45 -1.68 11.64
CA THR C 102 4.24 -2.76 12.22
C THR C 102 4.62 -3.73 11.10
N LYS C 103 5.91 -3.98 10.94
CA LYS C 103 6.40 -4.87 9.90
C LYS C 103 6.48 -6.30 10.44
N LEU C 104 5.63 -7.18 9.90
CA LEU C 104 5.63 -8.57 10.32
C LEU C 104 6.77 -9.29 9.66
N GLU C 105 7.60 -9.93 10.47
CA GLU C 105 8.75 -10.67 10.02
C GLU C 105 8.67 -12.05 10.63
N LEU C 106 9.30 -13.02 9.98
CA LEU C 106 9.27 -14.39 10.46
C LEU C 106 10.61 -14.94 10.91
N LYS C 107 10.52 -15.84 11.87
CA LYS C 107 11.69 -16.53 12.39
C LYS C 107 11.70 -17.86 11.67
N ARG C 108 12.86 -18.24 11.14
CA ARG C 108 12.99 -19.53 10.45
C ARG C 108 14.39 -20.11 10.67
N ALA C 109 14.62 -21.30 10.13
CA ALA C 109 15.92 -21.95 10.29
C ALA C 109 16.92 -21.26 9.39
N ASP C 110 18.19 -21.25 9.82
CA ASP C 110 19.24 -20.63 9.03
C ASP C 110 19.26 -21.26 7.66
N ALA C 111 19.82 -20.53 6.70
CA ALA C 111 19.92 -21.04 5.32
C ALA C 111 21.05 -20.30 4.64
N ALA C 112 21.95 -21.05 4.03
CA ALA C 112 23.09 -20.49 3.32
C ALA C 112 22.69 -19.84 2.01
N PRO C 113 23.17 -18.62 1.75
CA PRO C 113 22.85 -17.91 0.52
C PRO C 113 23.39 -18.57 -0.73
N THR C 114 22.70 -18.38 -1.84
CA THR C 114 23.15 -18.91 -3.11
C THR C 114 23.68 -17.67 -3.80
N VAL C 115 25.00 -17.64 -3.98
CA VAL C 115 25.68 -16.51 -4.58
C VAL C 115 25.81 -16.59 -6.09
N SER C 116 25.43 -15.52 -6.77
CA SER C 116 25.52 -15.46 -8.22
C SER C 116 26.30 -14.20 -8.56
N ILE C 117 27.21 -14.30 -9.52
CA ILE C 117 27.99 -13.12 -9.91
C ILE C 117 27.79 -12.86 -11.40
N PHE C 118 27.70 -11.59 -11.76
CA PHE C 118 27.46 -11.21 -13.14
C PHE C 118 28.40 -10.15 -13.66
N PRO C 119 28.88 -10.33 -14.89
CA PRO C 119 29.78 -9.36 -15.49
C PRO C 119 28.95 -8.22 -16.08
N PRO C 120 29.62 -7.14 -16.50
CA PRO C 120 28.90 -6.00 -17.09
C PRO C 120 28.23 -6.45 -18.40
N SER C 121 27.10 -5.87 -18.70
CA SER C 121 26.42 -6.21 -19.94
C SER C 121 27.18 -5.66 -21.13
N SER C 122 27.05 -6.33 -22.26
CA SER C 122 27.68 -5.88 -23.49
C SER C 122 27.12 -4.47 -23.70
N GLU C 123 25.83 -4.30 -23.42
CA GLU C 123 25.14 -3.03 -23.57
C GLU C 123 25.76 -1.86 -22.83
N GLN C 124 26.16 -2.08 -21.57
CA GLN C 124 26.75 -1.03 -20.77
C GLN C 124 28.20 -0.71 -21.13
N LEU C 125 29.00 -1.75 -21.33
CA LEU C 125 30.40 -1.58 -21.69
C LEU C 125 30.51 -0.72 -22.95
N THR C 126 29.58 -0.94 -23.85
CA THR C 126 29.51 -0.20 -25.10
C THR C 126 29.20 1.28 -24.84
N SER C 127 28.59 1.55 -23.68
CA SER C 127 28.21 2.90 -23.30
C SER C 127 29.24 3.61 -22.43
N GLY C 128 30.32 2.91 -22.08
CA GLY C 128 31.35 3.52 -21.26
C GLY C 128 31.32 3.07 -19.80
N GLY C 129 30.26 2.37 -19.40
CA GLY C 129 30.17 1.94 -18.03
C GLY C 129 30.48 0.47 -17.82
N ALA C 130 30.67 0.09 -16.56
CA ALA C 130 30.95 -1.31 -16.21
C ALA C 130 30.51 -1.56 -14.76
N SER C 131 29.45 -2.34 -14.63
CA SER C 131 28.94 -2.66 -13.31
C SER C 131 28.97 -4.15 -13.13
N VAL C 132 29.48 -4.60 -12.00
CA VAL C 132 29.52 -6.02 -11.72
C VAL C 132 28.45 -6.27 -10.66
N VAL C 133 27.69 -7.35 -10.82
CA VAL C 133 26.62 -7.64 -9.88
C VAL C 133 26.71 -8.96 -9.15
N CYS C 134 26.29 -8.92 -7.89
CA CYS C 134 26.29 -10.11 -7.06
C CYS C 134 24.96 -10.25 -6.34
N PHE C 135 24.32 -11.39 -6.52
CA PHE C 135 23.08 -11.67 -5.83
C PHE C 135 23.36 -12.74 -4.76
N LEU C 136 23.00 -12.45 -3.53
CA LEU C 136 23.15 -13.40 -2.43
C LEU C 136 21.68 -13.68 -2.14
N ASN C 137 21.20 -14.85 -2.55
CA ASN C 137 19.79 -15.14 -2.41
C ASN C 137 19.31 -16.24 -1.50
N ASN C 138 18.09 -16.05 -1.01
CA ASN C 138 17.44 -16.99 -0.12
C ASN C 138 18.32 -17.45 1.03
N PHE C 139 18.62 -16.53 1.93
CA PHE C 139 19.44 -16.87 3.08
C PHE C 139 18.79 -16.32 4.33
N TYR C 140 19.18 -16.87 5.47
CA TYR C 140 18.66 -16.43 6.74
C TYR C 140 19.69 -16.77 7.81
N PRO C 141 19.88 -15.87 8.80
CA PRO C 141 19.23 -14.58 8.99
C PRO C 141 19.67 -13.46 8.04
N LYS C 142 18.98 -12.33 8.11
CA LYS C 142 19.22 -11.16 7.26
C LYS C 142 20.67 -10.69 7.32
N ASP C 143 21.26 -10.78 8.50
CA ASP C 143 22.63 -10.35 8.67
C ASP C 143 23.58 -11.05 7.71
N ILE C 144 24.30 -10.28 6.91
CA ILE C 144 25.25 -10.85 5.96
C ILE C 144 26.21 -9.74 5.54
N ASN C 145 27.42 -10.12 5.19
CA ASN C 145 28.39 -9.13 4.80
C ASN C 145 29.09 -9.59 3.55
N VAL C 146 29.09 -8.75 2.53
CA VAL C 146 29.74 -9.12 1.28
C VAL C 146 30.88 -8.19 0.90
N LYS C 147 31.94 -8.76 0.35
CA LYS C 147 33.06 -7.95 -0.08
C LYS C 147 33.46 -8.37 -1.48
N TRP C 148 33.95 -7.41 -2.26
CA TRP C 148 34.38 -7.68 -3.62
C TRP C 148 35.89 -7.76 -3.65
N LYS C 149 36.41 -8.66 -4.46
CA LYS C 149 37.84 -8.77 -4.59
C LYS C 149 38.16 -8.80 -6.07
N ILE C 150 39.02 -7.90 -6.50
CA ILE C 150 39.43 -7.85 -7.90
C ILE C 150 40.87 -8.30 -7.93
N ASP C 151 41.14 -9.36 -8.67
CA ASP C 151 42.47 -9.93 -8.75
C ASP C 151 43.04 -10.04 -7.35
N GLY C 152 42.28 -10.71 -6.49
CA GLY C 152 42.70 -10.94 -5.11
C GLY C 152 42.54 -9.86 -4.06
N SER C 153 42.67 -8.60 -4.47
CA SER C 153 42.56 -7.49 -3.52
C SER C 153 41.17 -6.87 -3.37
N GLU C 154 40.74 -6.71 -2.12
CA GLU C 154 39.42 -6.16 -1.81
C GLU C 154 39.19 -4.74 -2.29
N ARG C 155 37.98 -4.48 -2.77
CA ARG C 155 37.58 -3.16 -3.23
C ARG C 155 36.21 -2.82 -2.67
N GLN C 156 36.13 -1.72 -1.93
CA GLN C 156 34.87 -1.30 -1.34
C GLN C 156 34.33 -0.07 -2.07
N ASN C 157 35.24 0.66 -2.71
CA ASN C 157 34.86 1.87 -3.43
C ASN C 157 33.92 1.59 -4.57
N GLY C 158 32.79 2.29 -4.60
CA GLY C 158 31.82 2.11 -5.67
C GLY C 158 30.87 0.93 -5.52
N VAL C 159 30.65 0.48 -4.29
CA VAL C 159 29.74 -0.63 -4.02
C VAL C 159 28.42 -0.16 -3.43
N LEU C 160 27.35 -0.83 -3.81
CA LEU C 160 26.01 -0.53 -3.33
C LEU C 160 25.31 -1.84 -2.98
N ASN C 161 24.77 -1.91 -1.78
CA ASN C 161 24.12 -3.13 -1.33
C ASN C 161 22.67 -2.84 -1.04
N SER C 162 21.79 -3.73 -1.49
CA SER C 162 20.38 -3.57 -1.27
C SER C 162 19.75 -4.89 -0.83
N TRP C 163 19.07 -4.86 0.31
CA TRP C 163 18.42 -6.03 0.87
C TRP C 163 16.96 -6.05 0.44
N THR C 164 16.40 -7.25 0.34
CA THR C 164 15.00 -7.41 -0.01
C THR C 164 14.30 -7.63 1.32
N ASP C 165 12.97 -7.66 1.31
CA ASP C 165 12.21 -7.94 2.51
C ASP C 165 12.15 -9.46 2.52
N GLN C 166 11.57 -10.04 3.57
CA GLN C 166 11.49 -11.49 3.58
C GLN C 166 10.61 -12.02 2.47
N ASP C 167 11.12 -12.99 1.73
CA ASP C 167 10.39 -13.57 0.62
C ASP C 167 9.21 -14.42 1.12
N SER C 168 8.06 -14.22 0.50
CA SER C 168 6.85 -14.93 0.87
C SER C 168 6.84 -16.44 0.61
N LYS C 169 7.81 -16.95 -0.12
CA LYS C 169 7.83 -18.38 -0.42
C LYS C 169 8.58 -19.20 0.63
N ASP C 170 9.78 -18.78 0.99
CA ASP C 170 10.57 -19.49 1.98
C ASP C 170 10.99 -18.59 3.14
N SER C 171 10.40 -17.41 3.20
CA SER C 171 10.71 -16.44 4.24
C SER C 171 12.21 -16.18 4.47
N THR C 172 12.96 -16.12 3.37
CA THR C 172 14.39 -15.84 3.45
C THR C 172 14.63 -14.45 2.93
N TYR C 173 15.84 -13.94 3.15
CA TYR C 173 16.19 -12.63 2.66
C TYR C 173 17.12 -12.84 1.49
N SER C 174 17.27 -11.79 0.69
CA SER C 174 18.17 -11.80 -0.46
C SER C 174 18.78 -10.41 -0.53
N MET C 175 19.97 -10.31 -1.11
CA MET C 175 20.60 -9.00 -1.21
C MET C 175 21.29 -8.83 -2.56
N SER C 176 21.36 -7.60 -3.02
CA SER C 176 21.99 -7.28 -4.29
C SER C 176 23.16 -6.36 -4.03
N SER C 177 24.32 -6.72 -4.57
CA SER C 177 25.52 -5.92 -4.40
C SER C 177 26.02 -5.51 -5.78
N THR C 178 26.12 -4.21 -6.02
CA THR C 178 26.60 -3.71 -7.31
C THR C 178 27.86 -2.89 -7.16
N LEU C 179 28.87 -3.25 -7.94
CA LEU C 179 30.15 -2.56 -7.95
C LEU C 179 30.31 -1.87 -9.31
N THR C 180 30.32 -0.54 -9.30
CA THR C 180 30.44 0.21 -10.53
C THR C 180 31.87 0.68 -10.80
N LEU C 181 32.36 0.38 -11.99
CA LEU C 181 33.71 0.75 -12.37
C LEU C 181 33.66 1.48 -13.71
N THR C 182 34.79 2.00 -14.14
CA THR C 182 34.87 2.67 -15.43
C THR C 182 35.22 1.53 -16.37
N LYS C 183 34.84 1.67 -17.65
CA LYS C 183 35.13 0.64 -18.63
C LYS C 183 36.62 0.28 -18.59
N ASP C 184 37.47 1.29 -18.51
CA ASP C 184 38.91 1.07 -18.47
C ASP C 184 39.37 0.20 -17.31
N GLU C 185 38.96 0.55 -16.09
CA GLU C 185 39.34 -0.19 -14.90
C GLU C 185 38.96 -1.65 -15.06
N TYR C 186 37.69 -1.88 -15.35
CA TYR C 186 37.17 -3.22 -15.52
C TYR C 186 37.98 -4.05 -16.52
N GLU C 187 38.44 -3.41 -17.59
CA GLU C 187 39.20 -4.14 -18.60
C GLU C 187 40.69 -4.36 -18.32
N ARG C 188 41.19 -3.82 -17.21
CA ARG C 188 42.60 -3.98 -16.88
C ARG C 188 42.80 -5.17 -15.95
N HIS C 189 41.70 -5.75 -15.51
CA HIS C 189 41.75 -6.86 -14.57
C HIS C 189 41.17 -8.18 -15.07
N ASN C 190 41.37 -9.24 -14.31
CA ASN C 190 40.91 -10.54 -14.70
C ASN C 190 39.90 -11.23 -13.79
N SER C 191 40.27 -11.46 -12.52
CA SER C 191 39.37 -12.13 -11.59
C SER C 191 38.53 -11.22 -10.71
N TYR C 192 37.22 -11.36 -10.86
CA TYR C 192 36.26 -10.61 -10.09
C TYR C 192 35.59 -11.58 -9.12
N THR C 193 35.76 -11.34 -7.84
CA THR C 193 35.21 -12.22 -6.85
C THR C 193 34.28 -11.53 -5.88
N CYS C 194 33.17 -12.18 -5.58
CA CYS C 194 32.20 -11.66 -4.65
C CYS C 194 32.20 -12.63 -3.47
N GLU C 195 32.56 -12.14 -2.30
CA GLU C 195 32.61 -13.00 -1.12
C GLU C 195 31.56 -12.65 -0.10
N ALA C 196 30.85 -13.68 0.34
CA ALA C 196 29.79 -13.53 1.31
C ALA C 196 30.15 -14.15 2.64
N THR C 197 30.00 -13.38 3.71
CA THR C 197 30.26 -13.89 5.05
C THR C 197 28.90 -13.94 5.71
N HIS C 198 28.52 -15.13 6.15
CA HIS C 198 27.23 -15.35 6.78
C HIS C 198 27.41 -16.46 7.82
N LYS C 199 26.55 -16.46 8.84
CA LYS C 199 26.68 -17.44 9.91
C LYS C 199 26.49 -18.89 9.52
N THR C 200 26.00 -19.14 8.30
CA THR C 200 25.77 -20.51 7.85
C THR C 200 27.04 -21.15 7.29
N SER C 201 28.13 -20.40 7.32
CA SER C 201 29.40 -20.90 6.82
C SER C 201 30.56 -20.35 7.65
N THR C 202 31.49 -21.24 8.00
CA THR C 202 32.65 -20.82 8.76
C THR C 202 33.57 -19.99 7.87
N SER C 203 33.65 -20.38 6.61
CA SER C 203 34.49 -19.67 5.65
C SER C 203 33.62 -18.79 4.78
N PRO C 204 34.26 -17.93 3.97
CA PRO C 204 33.49 -17.04 3.10
C PRO C 204 32.94 -17.82 1.92
N ILE C 205 31.65 -17.65 1.67
CA ILE C 205 30.98 -18.29 0.55
C ILE C 205 31.27 -17.38 -0.63
N VAL C 206 32.02 -17.89 -1.61
CA VAL C 206 32.42 -17.06 -2.72
C VAL C 206 32.11 -17.56 -4.13
N LYS C 207 31.91 -16.62 -5.05
CA LYS C 207 31.62 -16.94 -6.44
C LYS C 207 32.38 -15.96 -7.35
N SER C 208 32.89 -16.42 -8.48
CA SER C 208 33.62 -15.55 -9.38
C SER C 208 33.37 -15.83 -10.86
N PHE C 209 33.74 -14.85 -11.69
CA PHE C 209 33.64 -14.98 -13.15
C PHE C 209 35.06 -14.55 -13.50
N ASN C 210 35.53 -14.75 -14.72
CA ASN C 210 36.93 -14.46 -14.90
C ASN C 210 37.57 -13.78 -16.08
N ARG C 211 36.99 -12.70 -16.59
CA ARG C 211 37.64 -12.01 -17.71
C ARG C 211 37.22 -10.55 -17.69
N ASN C 212 37.94 -9.68 -18.40
CA ASN C 212 37.57 -8.26 -18.44
C ASN C 212 36.94 -7.90 -19.78
#